data_5FZ0
#
_entry.id   5FZ0
#
_cell.length_a   143.880
_cell.length_b   143.880
_cell.length_c   153.470
_cell.angle_alpha   90.00
_cell.angle_beta   90.00
_cell.angle_gamma   120.00
#
_symmetry.space_group_name_H-M   'P 65 2 2'
#
loop_
_entity.id
_entity.type
_entity.pdbx_description
1 polymer 'LYSINE-SPECIFIC DEMETHYLASE 5B'
2 non-polymer 'ZINC ION'
3 non-polymer 'DIMETHYL SULFOXIDE'
4 non-polymer 'MANGANESE (II) ION'
5 non-polymer '4-(2-HYDROXYETHYL)-1-PIPERAZINE ETHANESULFONIC ACID'
6 non-polymer 1,2-ETHANEDIOL
7 non-polymer 'CHLORIDE ION'
8 non-polymer 2,5-dichloro-N-(pyridin-3-yl)thiophene-3-carboxamide
9 non-polymer 'PHOSPHATE ION'
10 water water
#
_entity_poly.entity_id   1
_entity_poly.type   'polypeptide(L)'
_entity_poly.pdbx_seq_one_letter_code
;SMFLPPPECPVFEPSWEEFADPFAFIHKIRPIAEQTGICKVRPPPDWQPPFACDVDKLHFTPRIQRLNELEAQTRVKLGG
GGARDYTLRTFGEMADAFKSDYFNMPVHMVPTELVEKEFWRLVSTIEEDVTVEYGADIASKEFGSGFPVRDGKIKLSPEE
EEYLDSGWNLNNMPVMEQSVLAHITADICGMKLPWLYVGMCFSSFCWHIEDHWSYSINYLHWGEPKTWYGVPGYAAEQLE
NVMKKLAPELFVSQPDLLHQLVTIMNPNTLMTHEVPVYRTNQCAGEFVITFPRAYHSGFNQGFNFAEAVNFCTVDWLPLG
RQCVEHYRLLHRYCVFSHDEMICKMASKADVLDVVVASTVQKDMAIMIEDEKALRETVRKLGVIDSERMDFELLPDDERQ
CVKCKTTCFMSAISCSCKPGLLVCLHHVKELCSCPPYKYKLRYRYTLDDLYPMMNALKLRAESYNEWALNVNEALEAKI
;
_entity_poly.pdbx_strand_id   A
#
loop_
_chem_comp.id
_chem_comp.type
_chem_comp.name
_chem_comp.formula
CL non-polymer 'CHLORIDE ION' 'Cl -1'
DJ6 non-polymer 2,5-dichloro-N-(pyridin-3-yl)thiophene-3-carboxamide 'C10 H6 Cl2 N2 O S'
DMS non-polymer 'DIMETHYL SULFOXIDE' 'C2 H6 O S'
EDO non-polymer 1,2-ETHANEDIOL 'C2 H6 O2'
EPE non-polymer '4-(2-HYDROXYETHYL)-1-PIPERAZINE ETHANESULFONIC ACID' 'C8 H18 N2 O4 S'
MN non-polymer 'MANGANESE (II) ION' 'Mn 2'
PO4 non-polymer 'PHOSPHATE ION' 'O4 P -3'
ZN non-polymer 'ZINC ION' 'Zn 2'
#
# COMPACT_ATOMS: atom_id res chain seq x y z
N SER A 1 -26.83 18.68 -8.99
CA SER A 1 -27.85 17.70 -9.29
C SER A 1 -27.20 16.46 -9.91
N MET A 2 -27.71 15.28 -9.53
CA MET A 2 -27.05 14.02 -9.89
C MET A 2 -25.57 14.05 -9.42
N PHE A 3 -24.61 14.32 -10.31
CA PHE A 3 -23.20 14.31 -9.89
C PHE A 3 -22.46 15.64 -9.95
N LEU A 4 -21.94 16.07 -8.80
CA LEU A 4 -21.17 17.31 -8.68
C LEU A 4 -19.70 16.97 -8.43
N PRO A 5 -18.85 17.07 -9.46
CA PRO A 5 -17.49 16.57 -9.29
C PRO A 5 -16.70 17.28 -8.19
N PRO A 6 -15.93 16.52 -7.40
CA PRO A 6 -15.10 17.11 -6.34
C PRO A 6 -14.06 18.07 -6.95
N PRO A 7 -13.52 18.98 -6.13
CA PRO A 7 -12.44 19.86 -6.63
C PRO A 7 -11.25 19.08 -7.10
N GLU A 8 -10.48 19.67 -8.01
CA GLU A 8 -9.30 18.98 -8.54
C GLU A 8 -8.17 18.87 -7.49
N CYS A 9 -7.40 17.78 -7.57
CA CYS A 9 -6.24 17.63 -6.68
C CYS A 9 -5.06 18.42 -7.28
N PRO A 10 -4.03 18.71 -6.45
CA PRO A 10 -2.83 19.45 -6.91
C PRO A 10 -2.12 18.78 -8.07
N VAL A 11 -1.56 19.57 -8.98
CA VAL A 11 -0.75 19.03 -10.08
C VAL A 11 0.64 19.64 -10.06
N PHE A 12 1.65 18.79 -10.31
CA PHE A 12 3.04 19.20 -10.29
C PHE A 12 3.72 18.88 -11.60
N GLU A 13 4.48 19.88 -12.06
CA GLU A 13 5.33 19.78 -13.23
C GLU A 13 6.74 20.23 -12.80
N PRO A 14 7.57 19.26 -12.38
CA PRO A 14 8.91 19.63 -11.90
C PRO A 14 9.89 19.76 -13.09
N SER A 15 10.93 20.57 -12.91
CA SER A 15 12.04 20.65 -13.88
C SER A 15 12.92 19.42 -13.82
N TRP A 16 13.78 19.24 -14.81
N TRP A 16 13.77 19.23 -14.81
CA TRP A 16 14.74 18.12 -14.83
CA TRP A 16 14.70 18.11 -14.81
C TRP A 16 15.56 18.06 -13.55
C TRP A 16 15.54 18.06 -13.53
N GLU A 17 15.84 19.24 -12.97
CA GLU A 17 16.58 19.32 -11.71
C GLU A 17 15.76 18.75 -10.56
N GLU A 18 14.57 19.28 -10.32
CA GLU A 18 13.68 18.78 -9.26
C GLU A 18 13.36 17.30 -9.41
N PHE A 19 13.12 16.91 -10.67
CA PHE A 19 12.74 15.55 -11.04
C PHE A 19 13.84 14.53 -10.83
N ALA A 20 15.09 14.98 -10.86
CA ALA A 20 16.25 14.09 -10.66
C ALA A 20 16.09 13.10 -9.49
N ASP A 21 15.72 13.62 -8.32
CA ASP A 21 15.61 12.78 -7.11
C ASP A 21 14.17 12.65 -6.56
N PRO A 22 13.56 11.49 -6.81
CA PRO A 22 12.20 11.11 -6.42
C PRO A 22 11.87 11.51 -4.99
N PHE A 23 12.76 11.14 -4.07
CA PHE A 23 12.51 11.32 -2.65
C PHE A 23 12.69 12.77 -2.22
N ALA A 24 13.62 13.48 -2.85
CA ALA A 24 13.78 14.89 -2.54
C ALA A 24 12.48 15.60 -2.91
N PHE A 25 11.97 15.27 -4.09
CA PHE A 25 10.77 15.92 -4.62
C PHE A 25 9.49 15.63 -3.82
N ILE A 26 9.27 14.34 -3.58
CA ILE A 26 8.14 13.90 -2.77
C ILE A 26 8.23 14.54 -1.38
N HIS A 27 9.44 14.71 -0.86
CA HIS A 27 9.57 15.39 0.43
C HIS A 27 9.25 16.88 0.26
N LYS A 28 9.54 17.42 -0.93
CA LYS A 28 9.21 18.83 -1.21
C LYS A 28 7.69 19.09 -1.25
N ILE A 29 6.95 18.34 -2.07
CA ILE A 29 5.52 18.61 -2.23
C ILE A 29 4.66 18.16 -1.04
N ARG A 30 5.24 17.28 -0.22
CA ARG A 30 4.55 16.70 0.92
C ARG A 30 3.67 17.64 1.77
N PRO A 31 4.12 18.88 2.06
CA PRO A 31 3.20 19.66 2.91
C PRO A 31 1.91 20.09 2.20
N ILE A 32 1.96 20.15 0.87
CA ILE A 32 0.79 20.42 0.03
C ILE A 32 -0.08 19.18 -0.16
N ALA A 33 0.53 18.16 -0.77
CA ALA A 33 -0.14 16.96 -1.20
C ALA A 33 -0.76 16.17 -0.03
N GLU A 34 -0.21 16.32 1.17
CA GLU A 34 -0.73 15.55 2.29
C GLU A 34 -2.05 16.14 2.81
N GLN A 35 -2.38 17.33 2.32
CA GLN A 35 -3.65 17.98 2.65
C GLN A 35 -4.79 17.48 1.73
N THR A 36 -4.42 16.84 0.62
CA THR A 36 -5.39 16.38 -0.36
C THR A 36 -5.33 14.90 -0.64
N GLY A 37 -4.33 14.22 -0.06
CA GLY A 37 -4.28 12.76 -0.07
C GLY A 37 -3.67 12.20 -1.34
N ILE A 38 -4.13 12.62 -2.52
CA ILE A 38 -3.48 12.27 -3.77
C ILE A 38 -2.93 13.53 -4.42
N CYS A 39 -2.04 13.34 -5.40
CA CYS A 39 -1.58 14.45 -6.23
C CYS A 39 -1.10 13.83 -7.54
N LYS A 40 -0.95 14.67 -8.56
CA LYS A 40 -0.55 14.19 -9.87
C LYS A 40 0.82 14.73 -10.23
N VAL A 41 1.66 13.91 -10.86
CA VAL A 41 2.97 14.39 -11.26
C VAL A 41 3.25 14.20 -12.75
N ARG A 42 3.45 15.31 -13.43
CA ARG A 42 3.81 15.28 -14.86
C ARG A 42 5.31 15.36 -15.06
N PRO A 43 5.90 14.30 -15.59
CA PRO A 43 7.33 14.33 -15.87
C PRO A 43 7.68 15.41 -16.89
N PRO A 44 8.92 15.92 -16.85
CA PRO A 44 9.49 16.63 -18.00
C PRO A 44 9.15 15.98 -19.34
N PRO A 45 8.98 16.82 -20.37
CA PRO A 45 8.45 16.49 -21.70
C PRO A 45 9.29 15.46 -22.42
N ASP A 46 10.62 15.54 -22.22
CA ASP A 46 11.57 14.65 -22.89
C ASP A 46 11.73 13.29 -22.19
N TRP A 47 11.15 13.16 -20.98
CA TRP A 47 11.11 11.89 -20.24
C TRP A 47 10.03 10.95 -20.81
N GLN A 48 10.40 10.12 -21.78
CA GLN A 48 9.50 9.10 -22.30
C GLN A 48 10.16 7.76 -22.23
N PRO A 49 9.91 6.99 -21.15
CA PRO A 49 10.36 5.60 -21.11
C PRO A 49 9.81 4.82 -22.28
N PRO A 50 10.55 3.82 -22.74
CA PRO A 50 10.03 3.14 -23.92
C PRO A 50 9.16 1.97 -23.55
N PHE A 51 7.85 2.15 -23.50
CA PHE A 51 7.04 0.95 -23.41
C PHE A 51 7.11 0.21 -24.74
N ALA A 52 7.47 -1.06 -24.66
CA ALA A 52 7.43 -1.91 -25.83
C ALA A 52 7.14 -3.32 -25.36
N CYS A 53 6.27 -4.01 -26.10
CA CYS A 53 6.00 -5.45 -25.94
C CYS A 53 5.08 -6.02 -27.01
N ASP A 54 4.97 -7.35 -26.99
CA ASP A 54 4.13 -8.09 -27.91
C ASP A 54 2.78 -8.24 -27.25
N VAL A 55 1.78 -7.70 -27.91
CA VAL A 55 0.42 -7.79 -27.46
C VAL A 55 -0.11 -9.21 -27.60
N ASP A 56 0.65 -10.07 -28.29
CA ASP A 56 0.18 -11.44 -28.58
C ASP A 56 0.79 -12.46 -27.63
N LYS A 57 1.98 -12.17 -27.14
CA LYS A 57 2.71 -13.19 -26.38
C LYS A 57 2.44 -13.08 -24.89
N LEU A 58 1.84 -11.97 -24.49
CA LEU A 58 1.53 -11.81 -23.08
C LEU A 58 0.06 -12.15 -22.77
N HIS A 59 -0.11 -13.25 -22.02
CA HIS A 59 -1.40 -13.79 -21.57
CA HIS A 59 -1.43 -13.68 -21.58
C HIS A 59 -1.69 -13.38 -20.10
N PHE A 60 -2.98 -13.33 -19.72
CA PHE A 60 -3.39 -13.18 -18.32
C PHE A 60 -4.84 -13.60 -18.06
N THR A 61 -5.14 -13.87 -16.80
CA THR A 61 -6.44 -14.39 -16.44
C THR A 61 -7.27 -13.25 -15.82
N PRO A 62 -8.46 -13.02 -16.40
CA PRO A 62 -9.24 -11.82 -16.05
C PRO A 62 -10.03 -11.98 -14.76
N ARG A 63 -10.19 -10.88 -14.02
CA ARG A 63 -11.08 -10.84 -12.88
C ARG A 63 -12.38 -10.17 -13.29
N ILE A 64 -13.49 -10.64 -12.73
CA ILE A 64 -14.82 -10.13 -13.10
C ILE A 64 -15.33 -9.22 -12.01
N GLN A 65 -16.04 -8.18 -12.41
CA GLN A 65 -16.49 -7.16 -11.48
C GLN A 65 -17.95 -6.80 -11.77
N ARG A 66 -18.82 -6.87 -10.74
CA ARG A 66 -20.15 -6.25 -10.78
C ARG A 66 -20.05 -4.79 -10.32
N LEU A 67 -20.94 -3.94 -10.80
CA LEU A 67 -20.76 -2.52 -10.49
C LEU A 67 -21.90 -1.95 -9.64
N ASN A 68 -21.89 -2.28 -8.35
CA ASN A 68 -22.93 -1.84 -7.43
C ASN A 68 -22.41 -1.11 -6.20
N GLU A 69 -22.87 0.13 -6.02
CA GLU A 69 -22.50 0.94 -4.88
C GLU A 69 -22.84 0.25 -3.56
N LEU A 70 -21.94 0.36 -2.59
CA LEU A 70 -22.05 -0.20 -1.23
C LEU A 70 -22.01 -1.74 -1.16
N GLU A 71 -21.88 -2.39 -2.32
CA GLU A 71 -21.73 -3.86 -2.38
C GLU A 71 -20.28 -4.24 -2.11
N ALA A 72 -20.09 -5.36 -1.40
CA ALA A 72 -18.78 -5.79 -0.93
C ALA A 72 -18.02 -6.53 -2.02
N GLN A 73 -16.75 -6.18 -2.14
CA GLN A 73 -15.80 -6.87 -3.01
C GLN A 73 -14.60 -7.30 -2.15
N THR A 74 -13.90 -8.36 -2.56
CA THR A 74 -12.74 -8.80 -1.78
C THR A 74 -11.48 -8.26 -2.47
N ARG A 75 -10.55 -7.74 -1.67
CA ARG A 75 -9.33 -7.07 -2.16
C ARG A 75 -8.56 -7.88 -3.21
N VAL A 76 -8.24 -9.14 -2.90
CA VAL A 76 -7.65 -10.09 -3.88
C VAL A 76 -8.34 -11.45 -3.81
N ARG A 84 -11.60 -18.10 -20.34
CA ARG A 84 -11.12 -17.44 -19.14
C ARG A 84 -9.63 -17.09 -19.26
N ASP A 85 -9.22 -16.65 -20.46
CA ASP A 85 -7.83 -16.22 -20.70
C ASP A 85 -7.76 -15.16 -21.80
N TYR A 86 -6.97 -14.12 -21.60
CA TYR A 86 -6.86 -13.03 -22.59
C TYR A 86 -5.42 -12.73 -22.96
N THR A 87 -5.18 -12.36 -24.21
CA THR A 87 -3.92 -11.67 -24.50
C THR A 87 -4.22 -10.19 -24.39
N LEU A 88 -3.19 -9.36 -24.26
CA LEU A 88 -3.36 -7.92 -24.30
C LEU A 88 -4.14 -7.49 -25.55
N ARG A 89 -3.88 -8.11 -26.70
CA ARG A 89 -4.65 -7.80 -27.89
C ARG A 89 -6.12 -8.21 -27.75
N THR A 90 -6.43 -9.47 -27.40
CA THR A 90 -7.85 -9.89 -27.31
C THR A 90 -8.63 -9.13 -26.21
N PHE A 91 -7.95 -8.69 -25.16
CA PHE A 91 -8.64 -7.92 -24.13
C PHE A 91 -9.02 -6.56 -24.70
N GLY A 92 -8.05 -5.93 -25.37
CA GLY A 92 -8.24 -4.64 -26.00
C GLY A 92 -9.37 -4.63 -27.00
N GLU A 93 -9.50 -5.72 -27.76
CA GLU A 93 -10.58 -5.83 -28.72
C GLU A 93 -11.92 -5.86 -27.97
N MET A 94 -11.95 -6.50 -26.80
CA MET A 94 -13.18 -6.63 -26.01
C MET A 94 -13.51 -5.27 -25.37
N ALA A 95 -12.52 -4.64 -24.77
CA ALA A 95 -12.76 -3.39 -24.08
C ALA A 95 -13.29 -2.32 -25.03
N ASP A 96 -12.67 -2.19 -26.21
CA ASP A 96 -12.99 -1.14 -27.18
C ASP A 96 -14.41 -1.36 -27.74
N ALA A 97 -14.71 -2.58 -28.15
CA ALA A 97 -16.09 -2.95 -28.52
C ALA A 97 -17.11 -2.63 -27.42
N PHE A 98 -16.80 -3.00 -26.18
CA PHE A 98 -17.73 -2.72 -25.08
C PHE A 98 -18.06 -1.24 -24.96
N LYS A 99 -17.04 -0.39 -24.87
CA LYS A 99 -17.23 1.04 -24.68
C LYS A 99 -17.98 1.66 -25.89
N SER A 100 -17.59 1.20 -27.07
CA SER A 100 -18.16 1.72 -28.31
C SER A 100 -19.66 1.32 -28.40
N ASP A 101 -20.00 0.10 -28.01
CA ASP A 101 -21.40 -0.31 -27.94
C ASP A 101 -22.24 0.33 -26.84
N TYR A 102 -21.63 0.61 -25.70
CA TYR A 102 -22.34 1.20 -24.60
C TYR A 102 -22.81 2.59 -25.00
N PHE A 103 -22.00 3.33 -25.74
CA PHE A 103 -22.33 4.72 -26.02
C PHE A 103 -22.77 4.97 -27.45
N ASN A 104 -22.69 3.94 -28.28
CA ASN A 104 -22.91 4.08 -29.72
C ASN A 104 -22.13 5.27 -30.27
N MET A 105 -20.87 5.35 -29.86
CA MET A 105 -19.92 6.37 -30.34
C MET A 105 -18.55 5.72 -30.55
N PRO A 106 -17.66 6.36 -31.33
CA PRO A 106 -16.25 5.94 -31.36
C PRO A 106 -15.55 6.30 -30.04
N VAL A 107 -14.71 5.43 -29.49
CA VAL A 107 -14.22 5.57 -28.08
C VAL A 107 -13.64 6.93 -27.64
N HIS A 108 -12.96 7.60 -28.59
CA HIS A 108 -12.29 8.86 -28.34
C HIS A 108 -13.19 10.07 -28.39
N MET A 109 -14.47 9.80 -28.57
CA MET A 109 -15.37 10.91 -28.70
C MET A 109 -16.24 10.99 -27.49
N VAL A 110 -16.14 9.98 -26.63
CA VAL A 110 -16.88 10.01 -25.37
C VAL A 110 -16.15 10.88 -24.35
N PRO A 111 -16.73 12.03 -24.02
CA PRO A 111 -16.18 12.99 -23.08
C PRO A 111 -15.99 12.40 -21.67
N THR A 112 -14.89 12.77 -21.01
CA THR A 112 -14.58 12.16 -19.71
C THR A 112 -15.63 12.50 -18.70
N GLU A 113 -16.17 13.72 -18.78
N GLU A 113 -16.13 13.73 -18.83
CA GLU A 113 -17.21 14.11 -17.82
CA GLU A 113 -17.24 14.24 -18.00
C GLU A 113 -18.47 13.26 -17.99
C GLU A 113 -18.43 13.28 -18.02
N LEU A 114 -18.71 12.75 -19.20
CA LEU A 114 -19.87 11.88 -19.41
C LEU A 114 -19.65 10.48 -18.85
N VAL A 115 -18.47 9.91 -19.06
CA VAL A 115 -18.20 8.59 -18.46
C VAL A 115 -18.26 8.65 -16.93
N GLU A 116 -17.76 9.74 -16.35
CA GLU A 116 -17.84 9.92 -14.90
C GLU A 116 -19.29 9.94 -14.40
N LYS A 117 -20.13 10.83 -14.93
CA LYS A 117 -21.59 10.92 -14.63
C LYS A 117 -22.26 9.56 -14.78
N GLU A 118 -21.93 8.90 -15.86
CA GLU A 118 -22.53 7.62 -16.20
C GLU A 118 -22.12 6.52 -15.26
N PHE A 119 -20.85 6.58 -14.83
CA PHE A 119 -20.35 5.62 -13.88
C PHE A 119 -21.13 5.70 -12.57
N TRP A 120 -21.23 6.91 -12.02
CA TRP A 120 -21.96 7.05 -10.74
C TRP A 120 -23.46 6.78 -10.86
N ARG A 121 -24.03 6.97 -12.04
CA ARG A 121 -25.42 6.57 -12.23
C ARG A 121 -25.53 5.06 -12.21
N LEU A 122 -24.75 4.35 -13.02
CA LEU A 122 -25.00 2.91 -13.12
C LEU A 122 -24.66 2.14 -11.83
N VAL A 123 -23.73 2.61 -11.00
CA VAL A 123 -23.46 1.85 -9.78
C VAL A 123 -24.59 2.12 -8.76
N SER A 124 -25.33 3.21 -8.94
CA SER A 124 -26.36 3.55 -7.97
C SER A 124 -27.72 2.97 -8.34
N THR A 125 -27.81 2.34 -9.51
CA THR A 125 -29.08 1.80 -10.00
C THR A 125 -29.12 0.30 -9.86
N ILE A 126 -30.21 -0.22 -9.34
CA ILE A 126 -30.33 -1.65 -9.08
C ILE A 126 -30.71 -2.43 -10.33
N GLU A 127 -31.41 -1.78 -11.26
CA GLU A 127 -31.90 -2.46 -12.45
C GLU A 127 -30.79 -2.81 -13.41
N GLU A 128 -29.76 -1.97 -13.43
CA GLU A 128 -28.60 -2.19 -14.28
C GLU A 128 -27.67 -3.23 -13.70
N ASP A 129 -27.52 -4.37 -14.36
CA ASP A 129 -26.51 -5.34 -13.93
C ASP A 129 -25.35 -5.35 -14.92
N VAL A 130 -24.57 -4.29 -14.89
CA VAL A 130 -23.38 -4.18 -15.71
C VAL A 130 -22.18 -4.90 -15.08
N THR A 131 -21.62 -5.87 -15.79
CA THR A 131 -20.38 -6.49 -15.35
C THR A 131 -19.20 -6.17 -16.29
N VAL A 132 -18.01 -5.94 -15.73
CA VAL A 132 -16.81 -5.70 -16.56
C VAL A 132 -15.69 -6.63 -16.12
N GLU A 133 -14.59 -6.63 -16.87
CA GLU A 133 -13.42 -7.44 -16.54
C GLU A 133 -12.14 -6.61 -16.50
N TYR A 134 -11.11 -7.12 -15.86
CA TYR A 134 -9.83 -6.41 -15.79
C TYR A 134 -8.65 -7.34 -15.43
N GLY A 135 -7.44 -6.78 -15.44
CA GLY A 135 -6.27 -7.53 -15.00
C GLY A 135 -5.61 -6.87 -13.81
N ALA A 136 -5.27 -7.67 -12.79
CA ALA A 136 -4.42 -7.15 -11.71
C ALA A 136 -3.58 -8.29 -11.15
N ASP A 137 -2.26 -8.10 -11.15
CA ASP A 137 -1.30 -9.16 -10.78
C ASP A 137 0.07 -8.54 -10.59
N ILE A 138 0.86 -9.10 -9.66
CA ILE A 138 2.24 -8.62 -9.53
C ILE A 138 3.01 -9.13 -10.73
N ALA A 139 4.03 -8.37 -11.11
CA ALA A 139 4.92 -8.76 -12.19
C ALA A 139 5.48 -10.21 -12.05
N SER A 140 5.28 -11.01 -13.09
CA SER A 140 5.85 -12.37 -13.19
C SER A 140 6.50 -12.62 -14.57
N LYS A 141 6.90 -13.86 -14.85
CA LYS A 141 7.52 -14.16 -16.14
C LYS A 141 6.48 -14.25 -17.26
N GLU A 142 5.31 -14.81 -16.95
CA GLU A 142 4.23 -14.93 -17.93
C GLU A 142 3.71 -13.55 -18.33
N PHE A 143 3.96 -12.57 -17.47
CA PHE A 143 3.56 -11.17 -17.70
C PHE A 143 4.40 -10.23 -16.81
N GLY A 144 5.26 -9.41 -17.42
CA GLY A 144 6.25 -8.65 -16.69
C GLY A 144 6.12 -7.13 -16.75
N SER A 145 7.04 -6.45 -16.08
CA SER A 145 7.01 -5.00 -15.99
C SER A 145 6.97 -4.24 -17.33
N GLY A 146 6.31 -3.09 -17.33
CA GLY A 146 6.20 -2.26 -18.50
C GLY A 146 7.45 -1.40 -18.67
N PHE A 147 8.18 -1.24 -17.56
CA PHE A 147 9.47 -0.55 -17.53
C PHE A 147 10.64 -1.45 -18.00
N PRO A 148 11.76 -0.85 -18.45
CA PRO A 148 12.92 -1.66 -18.87
C PRO A 148 13.57 -2.42 -17.69
N VAL A 149 13.93 -3.69 -17.92
CA VAL A 149 14.76 -4.41 -16.96
C VAL A 149 15.94 -5.16 -17.57
N ARG A 150 16.80 -5.67 -16.71
CA ARG A 150 18.03 -6.34 -17.14
C ARG A 150 17.83 -7.82 -17.54
N ASP A 151 18.41 -8.22 -18.68
CA ASP A 151 18.40 -9.61 -19.12
C ASP A 151 19.41 -9.81 -20.26
N ILE A 154 18.36 -10.82 -23.13
CA ILE A 154 17.92 -9.69 -23.95
C ILE A 154 18.87 -8.50 -23.78
N LYS A 155 19.35 -7.94 -24.89
CA LYS A 155 20.16 -6.72 -24.91
C LYS A 155 19.27 -5.49 -25.16
N LEU A 156 19.64 -4.35 -24.58
CA LEU A 156 18.83 -3.12 -24.61
C LEU A 156 19.48 -1.95 -25.39
N SER A 157 18.63 -1.15 -26.06
CA SER A 157 19.05 0.02 -26.83
C SER A 157 19.45 1.18 -25.92
N PRO A 158 20.48 1.96 -26.29
CA PRO A 158 21.08 2.96 -25.37
C PRO A 158 20.07 3.91 -24.71
N GLU A 159 18.83 4.00 -25.22
CA GLU A 159 17.78 4.82 -24.60
C GLU A 159 17.23 4.12 -23.35
N GLU A 160 16.87 2.84 -23.50
CA GLU A 160 16.42 2.01 -22.38
C GLU A 160 17.43 2.03 -21.23
N GLU A 161 18.68 2.40 -21.54
CA GLU A 161 19.76 2.45 -20.55
C GLU A 161 19.59 3.61 -19.59
N GLU A 162 19.27 4.78 -20.12
CA GLU A 162 19.01 5.96 -19.29
C GLU A 162 17.83 5.75 -18.35
N TYR A 163 16.87 4.96 -18.81
CA TYR A 163 15.64 4.71 -18.09
C TYR A 163 15.80 3.54 -17.14
N LEU A 164 16.85 2.74 -17.35
CA LEU A 164 17.05 1.52 -16.57
C LEU A 164 17.33 1.79 -15.10
N ASP A 165 17.96 2.93 -14.81
CA ASP A 165 18.36 3.20 -13.44
C ASP A 165 17.64 4.38 -12.86
N SER A 166 16.64 4.88 -13.60
CA SER A 166 15.87 6.02 -13.17
C SER A 166 15.27 5.81 -11.78
N GLY A 167 15.25 6.87 -10.99
CA GLY A 167 14.49 6.81 -9.75
C GLY A 167 13.02 6.44 -10.00
N TRP A 168 12.43 6.90 -11.11
CA TRP A 168 11.00 6.72 -11.38
C TRP A 168 10.70 5.43 -12.16
N ASN A 169 11.73 4.68 -12.54
CA ASN A 169 11.46 3.30 -12.91
C ASN A 169 10.94 2.66 -11.63
N LEU A 170 9.79 2.01 -11.70
CA LEU A 170 9.14 1.60 -10.47
C LEU A 170 9.72 0.27 -9.95
N ASN A 171 10.50 -0.46 -10.76
CA ASN A 171 11.20 -1.64 -10.21
C ASN A 171 12.37 -1.25 -9.34
N ASN A 172 12.83 -0.02 -9.49
CA ASN A 172 13.97 0.45 -8.73
C ASN A 172 13.60 1.12 -7.41
N MET A 173 12.44 1.74 -7.37
CA MET A 173 12.05 2.56 -6.21
C MET A 173 12.01 1.84 -4.85
N PRO A 174 11.48 0.59 -4.79
CA PRO A 174 11.53 -0.10 -3.49
C PRO A 174 12.94 -0.18 -2.91
N VAL A 175 13.90 -0.60 -3.73
CA VAL A 175 15.25 -0.95 -3.26
C VAL A 175 16.30 0.19 -3.29
N MET A 176 15.86 1.45 -3.31
CA MET A 176 16.79 2.56 -3.13
C MET A 176 17.05 2.79 -1.65
N GLU A 177 17.86 3.79 -1.31
CA GLU A 177 18.35 3.90 0.07
C GLU A 177 17.80 5.07 0.89
N GLN A 178 16.79 5.77 0.38
CA GLN A 178 16.02 6.68 1.24
C GLN A 178 14.65 6.04 1.53
N SER A 179 14.43 4.91 0.86
CA SER A 179 13.45 3.89 1.21
C SER A 179 13.82 3.01 2.44
N VAL A 180 12.92 2.90 3.41
CA VAL A 180 13.26 2.15 4.62
C VAL A 180 12.92 0.69 4.43
N LEU A 181 12.03 0.42 3.48
CA LEU A 181 11.52 -0.93 3.24
C LEU A 181 12.57 -1.70 2.46
N ALA A 182 13.67 -0.99 2.20
CA ALA A 182 14.84 -1.49 1.50
C ALA A 182 15.37 -2.79 2.07
N HIS A 183 15.97 -2.67 3.26
CA HIS A 183 16.80 -3.75 3.78
C HIS A 183 16.00 -4.85 4.43
N ILE A 184 14.66 -4.73 4.44
CA ILE A 184 13.84 -5.87 4.87
C ILE A 184 14.26 -7.12 4.06
N THR A 185 14.62 -8.18 4.80
CA THR A 185 15.07 -9.42 4.19
C THR A 185 13.90 -10.40 4.24
N ALA A 186 12.98 -10.16 5.17
CA ALA A 186 11.68 -10.84 5.14
C ALA A 186 11.08 -10.66 3.75
N ASP A 187 10.41 -11.68 3.24
CA ASP A 187 9.77 -11.51 1.93
C ASP A 187 8.39 -10.92 2.14
N ILE A 188 8.12 -9.87 1.38
CA ILE A 188 6.88 -9.15 1.48
C ILE A 188 6.53 -8.77 0.06
N CYS A 189 6.64 -9.76 -0.82
CA CYS A 189 6.57 -9.60 -2.27
C CYS A 189 5.41 -8.74 -2.76
N GLY A 190 4.23 -8.91 -2.14
CA GLY A 190 3.06 -8.13 -2.49
C GLY A 190 3.30 -6.64 -2.33
N MET A 191 4.31 -6.29 -1.55
CA MET A 191 4.48 -4.94 -1.07
C MET A 191 5.87 -4.34 -1.39
N LYS A 192 6.60 -4.99 -2.29
CA LYS A 192 7.95 -4.57 -2.62
C LYS A 192 8.13 -4.60 -4.15
N LEU A 193 7.43 -5.56 -4.75
CA LEU A 193 7.30 -5.71 -6.19
C LEU A 193 6.15 -4.87 -6.76
N PRO A 194 6.27 -4.44 -8.02
CA PRO A 194 5.24 -3.69 -8.74
C PRO A 194 4.05 -4.55 -9.17
N TRP A 195 2.87 -3.92 -9.18
CA TRP A 195 1.67 -4.56 -9.70
C TRP A 195 1.34 -3.99 -11.09
N LEU A 196 0.77 -4.86 -11.91
CA LEU A 196 0.36 -4.49 -13.24
C LEU A 196 -1.18 -4.49 -13.38
N TYR A 197 -1.74 -3.38 -13.86
CA TYR A 197 -3.20 -3.27 -14.04
C TYR A 197 -3.65 -2.99 -15.48
N VAL A 198 -4.33 -3.95 -16.09
CA VAL A 198 -4.98 -3.74 -17.39
C VAL A 198 -6.47 -3.35 -17.27
N GLY A 199 -6.82 -2.12 -17.63
CA GLY A 199 -8.19 -1.63 -17.40
C GLY A 199 -9.06 -1.60 -18.65
N MET A 200 -10.36 -1.43 -18.44
CA MET A 200 -11.32 -1.19 -19.53
C MET A 200 -12.35 -0.20 -18.97
N CYS A 201 -13.24 0.29 -19.83
CA CYS A 201 -14.24 1.29 -19.39
C CYS A 201 -15.08 0.85 -18.17
N PHE A 202 -15.09 1.67 -17.12
CA PHE A 202 -15.85 1.43 -15.86
C PHE A 202 -15.19 0.44 -14.86
N SER A 203 -14.16 -0.32 -15.27
CA SER A 203 -13.50 -1.22 -14.31
C SER A 203 -12.97 -0.32 -13.20
N SER A 204 -13.11 -0.75 -11.95
N SER A 204 -13.13 -0.76 -11.95
CA SER A 204 -12.86 0.18 -10.87
CA SER A 204 -13.04 0.14 -10.79
C SER A 204 -12.06 -0.39 -9.70
C SER A 204 -12.18 -0.41 -9.64
N PHE A 205 -11.63 0.49 -8.83
CA PHE A 205 -10.97 0.08 -7.60
C PHE A 205 -11.62 0.80 -6.41
N CYS A 206 -12.02 0.01 -5.41
CA CYS A 206 -12.79 0.45 -4.26
C CYS A 206 -11.97 1.25 -3.31
N TRP A 207 -12.66 1.96 -2.41
CA TRP A 207 -11.98 2.76 -1.39
C TRP A 207 -11.09 1.86 -0.49
N HIS A 208 -9.84 2.25 -0.31
CA HIS A 208 -8.89 1.50 0.51
C HIS A 208 -7.70 2.39 0.91
N ILE A 209 -6.89 1.95 1.86
CA ILE A 209 -5.58 2.57 2.13
C ILE A 209 -4.51 1.49 1.95
N GLU A 210 -3.24 1.85 1.79
CA GLU A 210 -2.19 0.82 1.57
C GLU A 210 -1.84 0.10 2.88
N ASP A 211 -1.41 -1.16 2.76
CA ASP A 211 -0.87 -1.87 3.92
C ASP A 211 0.15 -1.03 4.67
N HIS A 212 0.03 -1.01 6.01
CA HIS A 212 0.96 -0.31 6.91
C HIS A 212 1.02 1.20 6.67
N TRP A 213 -0.03 1.73 6.04
CA TRP A 213 -0.15 3.17 5.78
C TRP A 213 1.01 3.69 4.96
N SER A 214 1.57 2.87 4.08
CA SER A 214 2.63 3.33 3.19
C SER A 214 2.12 4.25 2.06
N TYR A 215 3.08 4.91 1.38
CA TYR A 215 2.83 5.63 0.15
C TYR A 215 2.56 4.64 -0.97
N SER A 216 1.92 5.09 -2.05
CA SER A 216 2.04 4.33 -3.29
C SER A 216 2.30 5.30 -4.42
N ILE A 217 2.83 4.78 -5.51
CA ILE A 217 3.07 5.56 -6.69
C ILE A 217 2.63 4.71 -7.87
N ASN A 218 1.94 5.34 -8.81
N ASN A 218 2.14 5.42 -8.88
CA ASN A 218 1.25 4.68 -9.91
CA ASN A 218 1.19 4.90 -9.85
C ASN A 218 1.54 5.47 -11.18
C ASN A 218 1.48 5.54 -11.23
N TYR A 219 1.89 4.73 -12.22
CA TYR A 219 2.22 5.29 -13.53
C TYR A 219 1.32 4.67 -14.57
N LEU A 220 0.64 5.52 -15.36
CA LEU A 220 -0.15 5.05 -16.51
C LEU A 220 0.73 4.97 -17.77
N HIS A 221 0.95 3.78 -18.30
CA HIS A 221 1.92 3.62 -19.41
C HIS A 221 1.34 4.15 -20.74
N TRP A 222 0.13 3.72 -21.06
CA TRP A 222 -0.61 4.17 -22.23
C TRP A 222 -2.15 3.89 -22.08
N GLY A 223 -2.93 4.47 -22.99
CA GLY A 223 -4.35 4.18 -23.12
C GLY A 223 -5.18 5.33 -22.62
N GLU A 224 -6.46 5.07 -22.37
CA GLU A 224 -7.35 6.18 -21.97
C GLU A 224 -7.19 6.46 -20.47
N PRO A 225 -7.66 7.62 -20.00
CA PRO A 225 -7.31 8.00 -18.62
C PRO A 225 -7.89 7.11 -17.51
N LYS A 226 -7.41 7.41 -16.31
CA LYS A 226 -7.85 6.74 -15.10
C LYS A 226 -8.32 7.85 -14.22
N THR A 227 -9.56 7.75 -13.74
CA THR A 227 -10.10 8.77 -12.85
C THR A 227 -9.94 8.37 -11.38
N TRP A 228 -9.47 9.29 -10.55
CA TRP A 228 -9.13 9.00 -9.16
C TRP A 228 -9.96 9.86 -8.24
N TYR A 229 -10.31 9.31 -7.07
CA TYR A 229 -10.76 10.14 -5.96
C TYR A 229 -9.88 9.85 -4.74
N GLY A 230 -9.63 10.88 -3.91
CA GLY A 230 -8.69 10.81 -2.81
C GLY A 230 -9.09 11.66 -1.61
N VAL A 231 -8.81 11.14 -0.42
CA VAL A 231 -9.13 11.78 0.86
C VAL A 231 -7.82 11.94 1.63
N PRO A 232 -7.59 13.12 2.27
CA PRO A 232 -6.31 13.24 2.98
C PRO A 232 -6.23 12.36 4.25
N GLY A 233 -5.01 11.97 4.62
CA GLY A 233 -4.80 11.15 5.80
C GLY A 233 -5.51 11.61 7.07
N TYR A 234 -5.58 12.93 7.31
CA TYR A 234 -6.17 13.37 8.57
C TYR A 234 -7.68 13.09 8.66
N ALA A 235 -8.33 12.82 7.53
CA ALA A 235 -9.80 12.61 7.50
C ALA A 235 -10.16 11.15 7.45
N ALA A 236 -9.15 10.29 7.57
CA ALA A 236 -9.35 8.85 7.42
C ALA A 236 -10.44 8.31 8.33
N GLU A 237 -10.41 8.72 9.59
CA GLU A 237 -11.36 8.14 10.51
C GLU A 237 -12.75 8.72 10.26
N GLN A 238 -12.85 10.00 9.88
CA GLN A 238 -14.17 10.52 9.47
C GLN A 238 -14.76 9.64 8.37
N LEU A 239 -13.96 9.35 7.34
CA LEU A 239 -14.44 8.54 6.23
C LEU A 239 -14.89 7.18 6.71
N GLU A 240 -14.19 6.63 7.69
CA GLU A 240 -14.54 5.29 8.17
C GLU A 240 -15.85 5.29 8.97
N ASN A 241 -16.06 6.33 9.75
CA ASN A 241 -17.32 6.49 10.45
C ASN A 241 -18.49 6.57 9.48
N VAL A 242 -18.40 7.50 8.53
CA VAL A 242 -19.39 7.58 7.46
C VAL A 242 -19.66 6.22 6.83
N MET A 243 -18.62 5.42 6.60
CA MET A 243 -18.87 4.17 5.87
C MET A 243 -19.44 3.07 6.78
N LYS A 244 -19.25 3.19 8.09
CA LYS A 244 -19.85 2.22 9.01
C LYS A 244 -21.39 2.38 9.13
N LYS A 245 -21.90 3.61 9.07
CA LYS A 245 -23.35 3.82 9.08
C LYS A 245 -24.01 3.14 7.87
N LEU A 246 -23.47 3.39 6.68
CA LEU A 246 -24.11 2.97 5.44
C LEU A 246 -23.79 1.53 4.95
N ALA A 247 -22.65 0.98 5.35
CA ALA A 247 -22.34 -0.41 4.98
C ALA A 247 -21.60 -1.19 6.08
N PRO A 248 -22.28 -1.42 7.22
CA PRO A 248 -21.64 -2.03 8.40
C PRO A 248 -21.14 -3.48 8.20
N GLU A 249 -21.53 -4.12 7.11
CA GLU A 249 -21.06 -5.47 6.78
C GLU A 249 -19.58 -5.54 6.37
N LEU A 250 -19.03 -4.44 5.83
CA LEU A 250 -17.62 -4.39 5.41
C LEU A 250 -16.66 -4.37 6.61
N PHE A 251 -17.25 -4.18 7.78
CA PHE A 251 -16.49 -4.00 9.02
C PHE A 251 -16.52 -5.21 9.96
N VAL A 252 -17.29 -6.23 9.60
CA VAL A 252 -17.21 -7.51 10.29
C VAL A 252 -15.80 -8.09 10.04
N SER A 253 -15.10 -8.42 11.12
CA SER A 253 -13.68 -8.80 11.06
C SER A 253 -13.46 -10.04 10.22
N GLN A 254 -12.36 -10.04 9.48
CA GLN A 254 -12.13 -11.03 8.43
C GLN A 254 -11.03 -12.01 8.83
N PRO A 255 -11.14 -13.26 8.32
CA PRO A 255 -10.21 -14.34 8.67
C PRO A 255 -8.76 -14.07 8.27
N ASP A 256 -8.51 -13.11 7.38
CA ASP A 256 -7.14 -12.70 7.00
C ASP A 256 -7.06 -11.41 6.17
N LEU A 257 -6.01 -11.31 5.37
CA LEU A 257 -5.70 -10.08 4.65
C LEU A 257 -6.06 -10.11 3.17
N LEU A 258 -6.35 -11.29 2.64
CA LEU A 258 -6.85 -11.38 1.28
C LEU A 258 -8.36 -11.15 1.28
N HIS A 259 -8.94 -11.24 2.48
CA HIS A 259 -10.39 -11.18 2.64
C HIS A 259 -10.91 -9.85 3.17
N GLN A 260 -10.07 -8.81 3.20
CA GLN A 260 -10.56 -7.46 3.55
C GLN A 260 -11.72 -7.08 2.62
N LEU A 261 -12.80 -6.58 3.21
CA LEU A 261 -13.95 -6.18 2.40
C LEU A 261 -13.86 -4.71 2.06
N VAL A 262 -14.07 -4.39 0.79
CA VAL A 262 -14.00 -3.01 0.35
C VAL A 262 -15.18 -2.69 -0.56
N THR A 263 -15.46 -1.40 -0.77
CA THR A 263 -16.61 -1.01 -1.59
C THR A 263 -16.47 0.28 -2.42
N ILE A 264 -17.33 0.40 -3.45
CA ILE A 264 -17.56 1.62 -4.21
C ILE A 264 -18.52 2.53 -3.44
N MET A 265 -18.21 3.82 -3.37
CA MET A 265 -19.14 4.73 -2.74
C MET A 265 -18.99 6.14 -3.32
N ASN A 266 -20.13 6.75 -3.66
CA ASN A 266 -20.15 8.07 -4.28
C ASN A 266 -19.44 9.13 -3.45
N PRO A 267 -18.42 9.78 -4.01
CA PRO A 267 -17.75 10.85 -3.27
C PRO A 267 -18.69 12.01 -2.85
N ASN A 268 -19.81 12.18 -3.55
CA ASN A 268 -20.78 13.21 -3.14
C ASN A 268 -21.38 12.86 -1.77
N THR A 269 -21.61 11.56 -1.52
CA THR A 269 -22.06 11.11 -0.21
C THR A 269 -21.07 11.54 0.86
N LEU A 270 -19.79 11.37 0.60
CA LEU A 270 -18.77 11.73 1.57
C LEU A 270 -18.74 13.23 1.79
N MET A 271 -18.85 13.98 0.70
CA MET A 271 -18.83 15.44 0.77
C MET A 271 -20.01 16.01 1.56
N THR A 272 -21.14 15.31 1.50
CA THR A 272 -22.35 15.68 2.23
C THR A 272 -22.10 15.51 3.72
N HIS A 273 -21.29 14.51 4.09
CA HIS A 273 -20.98 14.30 5.49
C HIS A 273 -19.69 14.98 5.87
N GLU A 274 -19.27 15.96 5.06
CA GLU A 274 -18.18 16.88 5.41
C GLU A 274 -16.80 16.24 5.42
N VAL A 275 -16.64 15.17 4.64
CA VAL A 275 -15.31 14.63 4.37
C VAL A 275 -14.70 15.30 3.14
N PRO A 276 -13.47 15.80 3.23
CA PRO A 276 -12.95 16.42 2.00
C PRO A 276 -12.49 15.38 0.98
N VAL A 277 -12.92 15.54 -0.27
CA VAL A 277 -12.56 14.66 -1.39
C VAL A 277 -11.98 15.47 -2.56
N TYR A 278 -11.05 14.90 -3.32
CA TYR A 278 -10.44 15.54 -4.47
C TYR A 278 -10.44 14.56 -5.62
N ARG A 279 -10.40 15.06 -6.86
CA ARG A 279 -10.38 14.17 -8.02
C ARG A 279 -9.21 14.49 -8.94
N THR A 280 -8.95 13.59 -9.88
CA THR A 280 -8.11 13.96 -11.01
C THR A 280 -8.37 12.95 -12.11
N ASN A 281 -8.13 13.33 -13.37
CA ASN A 281 -7.90 12.36 -14.42
C ASN A 281 -6.41 12.24 -14.64
N GLN A 282 -5.94 11.00 -14.64
CA GLN A 282 -4.56 10.70 -14.87
C GLN A 282 -4.44 10.21 -16.29
N CYS A 283 -3.64 10.90 -17.10
CA CYS A 283 -3.46 10.48 -18.50
C CYS A 283 -2.13 9.79 -18.70
N ALA A 284 -1.97 9.17 -19.88
CA ALA A 284 -0.78 8.40 -20.23
C ALA A 284 0.48 9.21 -20.02
N GLY A 285 1.48 8.61 -19.38
CA GLY A 285 2.74 9.28 -19.04
C GLY A 285 2.67 10.14 -17.78
N GLU A 286 1.57 10.07 -17.03
CA GLU A 286 1.51 10.82 -15.77
C GLU A 286 1.56 9.88 -14.55
N PHE A 287 2.03 10.42 -13.43
CA PHE A 287 2.11 9.69 -12.17
C PHE A 287 1.05 10.16 -11.21
N VAL A 288 0.41 9.23 -10.50
CA VAL A 288 -0.31 9.64 -9.27
C VAL A 288 0.42 9.08 -8.03
N ILE A 289 0.51 9.92 -6.99
CA ILE A 289 1.08 9.54 -5.74
C ILE A 289 0.06 9.58 -4.60
N THR A 290 -0.06 8.50 -3.84
CA THR A 290 -0.93 8.51 -2.65
C THR A 290 -0.07 8.58 -1.37
N PHE A 291 -0.47 9.42 -0.43
CA PHE A 291 0.26 9.65 0.81
C PHE A 291 -0.23 8.71 1.96
N PRO A 292 0.50 8.65 3.10
CA PRO A 292 0.13 7.69 4.15
C PRO A 292 -1.28 7.85 4.73
N ARG A 293 -2.02 6.72 4.82
CA ARG A 293 -3.39 6.70 5.33
C ARG A 293 -4.38 7.55 4.49
N ALA A 294 -4.04 7.86 3.25
CA ALA A 294 -4.96 8.58 2.35
C ALA A 294 -5.90 7.62 1.64
N TYR A 295 -7.19 7.65 1.95
CA TYR A 295 -8.15 6.78 1.24
C TYR A 295 -8.25 7.13 -0.27
N HIS A 296 -8.48 6.14 -1.13
CA HIS A 296 -8.64 6.44 -2.53
C HIS A 296 -9.44 5.37 -3.28
N SER A 297 -10.04 5.77 -4.41
CA SER A 297 -10.79 4.92 -5.33
C SER A 297 -10.82 5.56 -6.71
N GLY A 298 -11.34 4.82 -7.67
CA GLY A 298 -11.47 5.29 -9.03
C GLY A 298 -11.90 4.25 -10.04
N PHE A 299 -11.88 4.61 -11.31
CA PHE A 299 -12.35 3.73 -12.40
C PHE A 299 -11.63 4.18 -13.68
N ASN A 300 -11.56 3.27 -14.64
CA ASN A 300 -10.90 3.59 -15.91
C ASN A 300 -11.87 4.14 -16.99
N GLN A 301 -11.37 5.08 -17.80
CA GLN A 301 -12.19 5.65 -18.87
C GLN A 301 -12.27 4.72 -20.06
N GLY A 302 -11.27 3.87 -20.22
CA GLY A 302 -11.27 2.89 -21.30
C GLY A 302 -10.06 2.00 -21.18
N PHE A 303 -9.77 1.24 -22.23
CA PHE A 303 -8.58 0.43 -22.34
C PHE A 303 -7.28 1.16 -21.95
N ASN A 304 -6.56 0.62 -20.97
CA ASN A 304 -5.30 1.23 -20.57
C ASN A 304 -4.40 0.25 -19.82
N PHE A 305 -3.20 0.69 -19.50
CA PHE A 305 -2.22 -0.15 -18.83
C PHE A 305 -1.43 0.66 -17.79
N ALA A 306 -1.50 0.23 -16.53
CA ALA A 306 -0.77 0.94 -15.48
C ALA A 306 0.09 -0.03 -14.67
N GLU A 307 0.95 0.57 -13.87
CA GLU A 307 1.91 -0.15 -13.04
C GLU A 307 2.10 0.66 -11.79
N ALA A 308 2.22 -0.02 -10.65
CA ALA A 308 2.23 0.66 -9.36
C ALA A 308 3.04 -0.08 -8.30
N VAL A 309 3.51 0.67 -7.31
CA VAL A 309 4.30 0.07 -6.26
C VAL A 309 4.16 0.82 -4.95
N ASN A 310 4.23 0.09 -3.83
CA ASN A 310 4.24 0.70 -2.49
C ASN A 310 5.63 1.21 -2.16
N PHE A 311 5.75 2.13 -1.20
CA PHE A 311 7.07 2.49 -0.70
C PHE A 311 7.02 3.30 0.60
N CYS A 312 8.13 3.36 1.32
CA CYS A 312 8.19 4.02 2.61
C CYS A 312 9.44 4.90 2.75
N THR A 313 9.24 6.14 3.15
CA THR A 313 10.34 7.06 3.37
C THR A 313 10.60 7.14 4.88
N VAL A 314 11.70 7.81 5.28
CA VAL A 314 11.96 8.04 6.69
C VAL A 314 10.84 8.86 7.33
N ASP A 315 10.24 9.76 6.56
CA ASP A 315 9.03 10.46 7.00
C ASP A 315 7.99 9.52 7.62
N TRP A 316 7.86 8.33 7.06
CA TRP A 316 6.74 7.48 7.34
C TRP A 316 6.94 6.69 8.64
N LEU A 317 8.20 6.48 9.05
CA LEU A 317 8.53 5.59 10.16
C LEU A 317 7.62 5.73 11.40
N PRO A 318 7.34 6.97 11.86
CA PRO A 318 6.45 7.05 13.04
C PRO A 318 5.02 6.58 12.75
N LEU A 319 4.52 6.75 11.53
CA LEU A 319 3.18 6.29 11.20
C LEU A 319 3.12 4.79 11.09
N GLY A 320 4.20 4.21 10.57
CA GLY A 320 4.34 2.76 10.57
C GLY A 320 4.21 2.18 11.99
N ARG A 321 4.74 2.86 13.00
CA ARG A 321 4.58 2.38 14.37
C ARG A 321 3.13 2.56 14.83
N GLN A 322 2.55 3.72 14.53
N GLN A 322 2.54 3.74 14.56
CA GLN A 322 1.18 4.04 14.94
CA GLN A 322 1.14 3.99 14.95
C GLN A 322 0.16 3.15 14.21
C GLN A 322 0.21 3.01 14.26
N CYS A 323 0.50 2.68 13.02
CA CYS A 323 -0.35 1.76 12.27
C CYS A 323 -0.36 0.33 12.83
N VAL A 324 0.80 -0.14 13.26
CA VAL A 324 0.88 -1.49 13.82
C VAL A 324 0.12 -1.52 15.15
N GLU A 325 0.24 -0.45 15.93
CA GLU A 325 -0.57 -0.26 17.12
C GLU A 325 -2.09 -0.34 16.78
N HIS A 326 -2.50 0.45 15.81
CA HIS A 326 -3.88 0.41 15.30
C HIS A 326 -4.31 -0.99 14.82
N TYR A 327 -3.41 -1.71 14.14
CA TYR A 327 -3.77 -3.06 13.69
C TYR A 327 -4.08 -3.94 14.87
N ARG A 328 -3.40 -3.69 15.98
CA ARG A 328 -3.54 -4.53 17.17
C ARG A 328 -4.93 -4.34 17.78
N LEU A 329 -5.37 -3.09 17.91
CA LEU A 329 -6.71 -2.78 18.39
C LEU A 329 -7.79 -3.44 17.53
N LEU A 330 -7.58 -3.49 16.22
CA LEU A 330 -8.57 -4.08 15.31
C LEU A 330 -8.41 -5.57 15.15
N HIS A 331 -7.40 -6.14 15.81
CA HIS A 331 -7.06 -7.55 15.61
C HIS A 331 -6.84 -7.94 14.14
N ARG A 332 -6.20 -7.09 13.34
CA ARG A 332 -5.92 -7.57 12.01
C ARG A 332 -4.43 -7.85 11.78
N TYR A 333 -4.16 -8.66 10.77
CA TYR A 333 -2.83 -9.16 10.52
C TYR A 333 -1.89 -8.12 9.95
N CYS A 334 -0.63 -8.25 10.35
CA CYS A 334 0.48 -7.43 9.85
C CYS A 334 1.08 -8.10 8.63
N VAL A 335 1.65 -7.31 7.74
CA VAL A 335 2.29 -7.86 6.57
C VAL A 335 3.73 -8.26 6.92
N PHE A 336 4.36 -7.46 7.80
CA PHE A 336 5.70 -7.71 8.34
C PHE A 336 5.77 -7.10 9.73
N SER A 337 6.80 -7.48 10.51
CA SER A 337 7.04 -6.84 11.80
C SER A 337 7.80 -5.52 11.64
N HIS A 338 7.23 -4.43 12.16
CA HIS A 338 7.88 -3.13 12.16
C HIS A 338 9.15 -3.13 13.03
N ASP A 339 9.03 -3.67 14.25
CA ASP A 339 10.20 -3.77 15.15
C ASP A 339 11.37 -4.58 14.53
N GLU A 340 11.03 -5.67 13.85
CA GLU A 340 12.05 -6.49 13.19
C GLU A 340 12.78 -5.70 12.10
N MET A 341 12.09 -4.76 11.49
CA MET A 341 12.71 -3.94 10.48
C MET A 341 13.65 -2.91 11.08
N ILE A 342 13.19 -2.24 12.15
CA ILE A 342 13.99 -1.27 12.89
C ILE A 342 15.32 -1.88 13.36
N CYS A 343 15.23 -3.05 13.97
CA CYS A 343 16.40 -3.76 14.49
C CYS A 343 17.33 -4.23 13.40
N LYS A 344 16.79 -4.56 12.24
CA LYS A 344 17.63 -5.03 11.14
C LYS A 344 18.42 -3.85 10.61
N MET A 345 17.76 -2.72 10.46
CA MET A 345 18.46 -1.50 10.06
C MET A 345 19.53 -1.15 11.10
N ALA A 346 19.19 -1.13 12.39
CA ALA A 346 20.15 -0.84 13.44
C ALA A 346 21.36 -1.78 13.35
N SER A 347 21.14 -3.04 13.01
CA SER A 347 22.27 -3.96 12.91
C SER A 347 23.10 -3.70 11.66
N LYS A 348 22.68 -2.78 10.79
CA LYS A 348 23.47 -2.43 9.60
C LYS A 348 23.86 -0.95 9.68
N ALA A 349 23.99 -0.44 10.89
CA ALA A 349 24.09 0.98 11.13
C ALA A 349 25.26 1.65 10.40
N ASP A 350 26.37 0.93 10.22
CA ASP A 350 27.58 1.48 9.60
C ASP A 350 27.47 1.77 8.09
N VAL A 351 26.54 1.11 7.39
CA VAL A 351 26.34 1.33 5.96
C VAL A 351 25.02 2.06 5.65
N LEU A 352 24.41 2.64 6.67
CA LEU A 352 23.16 3.35 6.49
C LEU A 352 23.40 4.79 6.10
N ASP A 353 22.53 5.30 5.24
CA ASP A 353 22.48 6.72 5.00
C ASP A 353 22.33 7.45 6.34
N VAL A 354 22.94 8.62 6.42
CA VAL A 354 23.09 9.35 7.68
C VAL A 354 21.80 9.95 8.21
N VAL A 355 20.94 10.45 7.32
CA VAL A 355 19.65 10.99 7.78
C VAL A 355 18.71 9.84 8.14
N VAL A 356 18.77 8.77 7.37
CA VAL A 356 18.09 7.54 7.74
C VAL A 356 18.47 7.06 9.16
N ALA A 357 19.77 6.95 9.44
CA ALA A 357 20.21 6.44 10.74
C ALA A 357 19.73 7.32 11.91
N SER A 358 19.72 8.63 11.70
CA SER A 358 19.17 9.54 12.70
C SER A 358 17.67 9.30 12.95
N THR A 359 16.93 8.95 11.91
CA THR A 359 15.48 8.78 12.07
C THR A 359 15.17 7.41 12.67
N VAL A 360 15.93 6.38 12.29
CA VAL A 360 15.75 5.08 12.91
C VAL A 360 16.03 5.14 14.42
N GLN A 361 17.08 5.88 14.79
CA GLN A 361 17.50 5.93 16.17
C GLN A 361 16.35 6.48 17.04
N LYS A 362 15.67 7.52 16.55
CA LYS A 362 14.53 8.08 17.27
C LYS A 362 13.38 7.07 17.45
N ASP A 363 13.05 6.32 16.40
CA ASP A 363 12.03 5.31 16.53
C ASP A 363 12.48 4.16 17.46
N MET A 364 13.78 3.82 17.42
CA MET A 364 14.26 2.75 18.28
C MET A 364 14.17 3.15 19.76
N ALA A 365 14.37 4.43 20.03
CA ALA A 365 14.29 4.92 21.40
C ALA A 365 12.88 4.74 21.98
N ILE A 366 11.84 5.04 21.20
CA ILE A 366 10.47 4.80 21.66
C ILE A 366 10.20 3.28 21.82
N MET A 367 10.62 2.49 20.84
CA MET A 367 10.52 1.02 20.93
C MET A 367 11.09 0.51 22.25
N ILE A 368 12.32 0.93 22.57
CA ILE A 368 12.99 0.40 23.75
C ILE A 368 12.21 0.78 25.00
N GLU A 369 11.88 2.05 25.10
CA GLU A 369 11.18 2.53 26.28
C GLU A 369 9.80 1.87 26.45
N ASP A 370 9.07 1.63 25.36
CA ASP A 370 7.83 0.88 25.48
C ASP A 370 8.09 -0.56 25.96
N GLU A 371 9.19 -1.16 25.49
CA GLU A 371 9.44 -2.56 25.76
C GLU A 371 9.83 -2.75 27.24
N LYS A 372 10.62 -1.83 27.75
CA LYS A 372 10.96 -1.74 29.17
C LYS A 372 9.71 -1.76 30.05
N ALA A 373 8.74 -0.91 29.73
CA ALA A 373 7.50 -0.83 30.53
C ALA A 373 6.70 -2.11 30.46
N LEU A 374 6.58 -2.70 29.27
CA LEU A 374 5.79 -3.92 29.12
C LEU A 374 6.44 -5.04 29.90
N ARG A 375 7.78 -5.12 29.91
CA ARG A 375 8.45 -6.22 30.62
C ARG A 375 8.30 -6.09 32.14
N GLU A 376 8.31 -4.85 32.66
CA GLU A 376 8.07 -4.64 34.09
C GLU A 376 6.65 -5.05 34.47
N THR A 377 5.69 -4.74 33.59
CA THR A 377 4.29 -5.13 33.82
C THR A 377 4.09 -6.67 33.88
N VAL A 378 4.74 -7.43 33.00
CA VAL A 378 4.51 -8.88 33.00
C VAL A 378 5.26 -9.52 34.18
N ARG A 379 6.39 -8.94 34.55
CA ARG A 379 7.11 -9.37 35.76
C ARG A 379 6.20 -9.24 37.00
N LYS A 380 5.45 -8.15 37.13
CA LYS A 380 4.63 -7.96 38.32
C LYS A 380 3.39 -8.81 38.27
N LEU A 381 3.17 -9.46 37.13
CA LEU A 381 2.06 -10.39 36.99
C LEU A 381 2.49 -11.78 37.42
N GLY A 382 3.79 -11.93 37.68
CA GLY A 382 4.32 -13.18 38.19
C GLY A 382 4.97 -14.09 37.16
N VAL A 383 5.16 -13.58 35.94
CA VAL A 383 5.95 -14.31 34.96
C VAL A 383 7.41 -14.15 35.33
N ILE A 384 8.07 -15.26 35.65
CA ILE A 384 9.43 -15.16 36.19
C ILE A 384 10.47 -15.83 35.31
N ASP A 385 10.15 -17.03 34.82
CA ASP A 385 11.06 -17.73 33.92
C ASP A 385 11.22 -16.99 32.56
N SER A 386 12.40 -17.04 31.96
CA SER A 386 12.57 -16.43 30.65
C SER A 386 13.67 -17.13 29.82
N GLU A 387 13.61 -17.00 28.50
CA GLU A 387 14.58 -17.62 27.60
C GLU A 387 14.69 -16.79 26.30
N ARG A 388 15.89 -16.56 25.79
CA ARG A 388 16.06 -15.86 24.50
C ARG A 388 15.40 -16.68 23.39
N MET A 389 14.91 -15.99 22.35
CA MET A 389 14.31 -16.67 21.22
C MET A 389 14.43 -15.83 19.94
N ASP A 390 14.98 -16.43 18.89
CA ASP A 390 15.16 -15.77 17.59
C ASP A 390 13.87 -15.73 16.74
N PHE A 391 12.95 -14.82 17.08
CA PHE A 391 11.65 -14.78 16.40
C PHE A 391 11.76 -14.71 14.88
N GLU A 392 12.81 -14.08 14.35
CA GLU A 392 12.83 -13.84 12.90
C GLU A 392 12.95 -15.15 12.09
N LEU A 393 13.29 -16.26 12.74
CA LEU A 393 13.42 -17.59 12.13
C LEU A 393 12.07 -18.31 12.01
N LEU A 394 11.11 -17.93 12.86
CA LEU A 394 9.74 -18.46 12.77
C LEU A 394 8.98 -17.91 11.59
N PRO A 395 8.30 -18.80 10.83
CA PRO A 395 7.27 -18.40 9.86
C PRO A 395 6.25 -17.52 10.54
N ASP A 396 5.70 -16.54 9.83
CA ASP A 396 4.83 -15.57 10.46
C ASP A 396 3.63 -16.20 11.17
N ASP A 397 3.02 -17.18 10.53
CA ASP A 397 1.80 -17.76 11.09
C ASP A 397 2.13 -18.52 12.37
N GLU A 398 3.39 -18.89 12.56
CA GLU A 398 3.79 -19.46 13.85
C GLU A 398 4.15 -18.43 14.93
N ARG A 399 4.02 -17.12 14.66
CA ARG A 399 4.33 -16.17 15.73
C ARG A 399 3.40 -14.98 15.81
N GLN A 400 2.10 -15.23 15.62
CA GLN A 400 1.11 -14.17 15.80
C GLN A 400 0.44 -14.34 17.14
N CYS A 401 0.20 -13.21 17.81
CA CYS A 401 -0.52 -13.19 19.07
C CYS A 401 -1.89 -13.85 18.90
N VAL A 402 -2.15 -14.89 19.69
CA VAL A 402 -3.43 -15.59 19.69
C VAL A 402 -4.65 -14.64 19.82
N LYS A 403 -4.50 -13.56 20.58
CA LYS A 403 -5.59 -12.60 20.77
C LYS A 403 -5.68 -11.54 19.69
N CYS A 404 -4.64 -10.68 19.58
CA CYS A 404 -4.69 -9.51 18.69
C CYS A 404 -4.07 -9.75 17.31
N LYS A 405 -3.50 -10.96 17.12
CA LYS A 405 -2.90 -11.38 15.83
C LYS A 405 -1.63 -10.59 15.40
N THR A 406 -1.11 -9.68 16.23
CA THR A 406 0.12 -8.97 15.87
C THR A 406 1.30 -9.95 15.69
N THR A 407 2.22 -9.60 14.79
CA THR A 407 3.39 -10.44 14.51
C THR A 407 4.48 -10.18 15.56
N CYS A 408 4.81 -11.17 16.38
CA CYS A 408 5.73 -10.94 17.51
C CYS A 408 7.20 -10.86 17.08
N PHE A 409 7.97 -9.97 17.70
CA PHE A 409 9.42 -9.96 17.42
C PHE A 409 10.25 -9.62 18.65
N MET A 410 9.93 -8.52 19.34
CA MET A 410 10.65 -8.17 20.56
C MET A 410 10.44 -9.19 21.70
N SER A 411 9.19 -9.65 21.88
CA SER A 411 8.86 -10.56 22.97
C SER A 411 7.46 -11.16 22.87
N ALA A 412 7.28 -12.24 23.64
CA ALA A 412 6.03 -13.01 23.67
C ALA A 412 6.01 -13.87 24.93
N ILE A 413 4.83 -14.30 25.34
CA ILE A 413 4.68 -15.23 26.44
C ILE A 413 4.26 -16.64 25.95
N SER A 414 4.89 -17.71 26.43
CA SER A 414 4.44 -19.05 26.10
C SER A 414 4.09 -19.82 27.34
N CYS A 415 3.55 -21.02 27.13
CA CYS A 415 3.25 -21.94 28.19
C CYS A 415 3.31 -23.38 27.68
N SER A 416 4.01 -24.24 28.43
CA SER A 416 4.12 -25.67 28.13
C SER A 416 2.75 -26.36 28.00
N CYS A 417 1.77 -25.85 28.73
CA CYS A 417 0.35 -26.09 28.49
C CYS A 417 -0.17 -26.05 27.05
N LYS A 418 0.15 -24.99 26.31
CA LYS A 418 -0.32 -24.90 24.93
C LYS A 418 0.86 -24.71 23.98
N PRO A 419 1.49 -25.84 23.60
CA PRO A 419 2.73 -25.83 22.82
C PRO A 419 2.52 -25.15 21.48
N GLY A 420 3.41 -24.24 21.13
CA GLY A 420 3.31 -23.58 19.85
C GLY A 420 2.64 -22.23 19.91
N LEU A 421 1.72 -22.03 20.86
CA LEU A 421 0.97 -20.77 20.94
C LEU A 421 1.71 -19.65 21.69
N LEU A 422 1.53 -18.43 21.20
CA LEU A 422 2.09 -17.20 21.77
C LEU A 422 1.04 -16.12 21.96
N VAL A 423 1.22 -15.24 22.96
CA VAL A 423 0.52 -13.96 23.02
C VAL A 423 1.58 -12.86 23.12
N CYS A 424 1.26 -11.66 22.65
CA CYS A 424 2.17 -10.54 22.86
C CYS A 424 2.04 -10.09 24.33
N LEU A 425 2.86 -9.13 24.75
CA LEU A 425 2.83 -8.74 26.16
C LEU A 425 1.62 -7.86 26.53
N HIS A 426 0.76 -7.52 25.58
CA HIS A 426 -0.51 -6.84 25.93
C HIS A 426 -1.59 -7.86 26.32
N HIS A 427 -1.39 -9.13 25.95
CA HIS A 427 -2.45 -10.12 26.16
C HIS A 427 -2.00 -11.36 26.96
N VAL A 428 -1.21 -11.10 27.98
CA VAL A 428 -0.73 -12.14 28.89
C VAL A 428 -1.89 -12.92 29.54
N LYS A 429 -2.98 -12.24 29.88
CA LYS A 429 -4.17 -12.90 30.44
C LYS A 429 -4.87 -13.86 29.48
N GLU A 430 -4.45 -13.92 28.20
CA GLU A 430 -5.29 -14.58 27.19
C GLU A 430 -4.73 -15.89 26.62
N LEU A 431 -3.59 -16.33 27.13
CA LEU A 431 -2.96 -17.56 26.65
C LEU A 431 -3.69 -18.81 27.13
N CYS A 432 -3.96 -18.89 28.45
CA CYS A 432 -4.57 -20.07 29.07
C CYS A 432 -4.84 -19.82 30.56
N SER A 433 -5.15 -20.89 31.29
CA SER A 433 -5.63 -20.76 32.67
C SER A 433 -4.61 -21.16 33.75
N CYS A 434 -3.45 -21.64 33.34
CA CYS A 434 -2.40 -21.95 34.30
C CYS A 434 -1.97 -20.70 35.07
N PRO A 435 -1.45 -20.88 36.31
CA PRO A 435 -0.92 -19.70 37.02
C PRO A 435 0.29 -19.15 36.29
N PRO A 436 0.46 -17.84 36.31
CA PRO A 436 1.58 -17.14 35.65
C PRO A 436 3.00 -17.64 35.96
N TYR A 437 3.24 -18.40 37.03
CA TYR A 437 4.59 -18.91 37.23
C TYR A 437 4.91 -20.07 36.27
N LYS A 438 3.89 -20.65 35.64
CA LYS A 438 4.14 -21.70 34.63
C LYS A 438 4.51 -21.09 33.26
N TYR A 439 4.35 -19.77 33.11
CA TYR A 439 4.60 -19.10 31.83
C TYR A 439 6.07 -18.82 31.61
N LYS A 440 6.43 -18.52 30.38
CA LYS A 440 7.82 -18.19 30.06
C LYS A 440 7.85 -16.91 29.23
N LEU A 441 8.73 -15.96 29.54
CA LEU A 441 8.95 -14.80 28.69
C LEU A 441 9.99 -15.11 27.62
N ARG A 442 9.57 -15.12 26.36
CA ARG A 442 10.47 -15.28 25.18
C ARG A 442 10.85 -13.94 24.64
N TYR A 443 12.15 -13.70 24.43
CA TYR A 443 12.57 -12.34 24.12
C TYR A 443 13.71 -12.34 23.13
N ARG A 444 13.77 -11.34 22.26
CA ARG A 444 14.81 -11.37 21.23
C ARG A 444 16.13 -10.80 21.72
N TYR A 445 16.04 -9.75 22.54
CA TYR A 445 17.18 -8.96 22.97
C TYR A 445 16.97 -8.63 24.42
N THR A 446 18.04 -8.61 25.23
CA THR A 446 17.99 -7.99 26.57
C THR A 446 18.05 -6.46 26.36
N LEU A 447 17.50 -5.69 27.29
CA LEU A 447 17.77 -4.24 27.31
C LEU A 447 19.27 -3.91 27.09
N ASP A 448 20.15 -4.67 27.71
CA ASP A 448 21.60 -4.44 27.50
C ASP A 448 22.11 -4.72 26.08
N ASP A 449 21.47 -5.61 25.31
CA ASP A 449 21.86 -5.75 23.88
C ASP A 449 21.37 -4.52 23.10
N LEU A 450 20.23 -3.98 23.51
CA LEU A 450 19.58 -2.99 22.68
C LEU A 450 20.32 -1.63 22.67
N TYR A 451 20.70 -1.11 23.85
CA TYR A 451 21.32 0.23 23.94
C TYR A 451 22.60 0.37 23.07
N PRO A 452 23.50 -0.64 23.03
CA PRO A 452 24.60 -0.52 22.04
C PRO A 452 24.16 -0.45 20.55
N MET A 453 23.06 -1.13 20.18
CA MET A 453 22.52 -1.06 18.81
C MET A 453 22.11 0.37 18.51
N MET A 454 21.45 0.99 19.49
CA MET A 454 21.03 2.35 19.33
C MET A 454 22.22 3.31 19.27
N ASN A 455 23.21 3.09 20.13
N ASN A 455 23.21 3.08 20.12
CA ASN A 455 24.42 3.90 20.14
CA ASN A 455 24.41 3.87 20.15
C ASN A 455 25.15 3.87 18.80
C ASN A 455 25.17 3.87 18.82
N ALA A 456 25.23 2.70 18.16
CA ALA A 456 25.86 2.62 16.84
C ALA A 456 25.12 3.54 15.84
N LEU A 457 23.81 3.66 15.97
CA LEU A 457 23.04 4.57 15.12
C LEU A 457 23.42 6.01 15.42
N LYS A 458 23.57 6.31 16.71
CA LYS A 458 23.88 7.66 17.12
C LYS A 458 25.26 8.10 16.57
N LEU A 459 26.24 7.19 16.63
CA LEU A 459 27.56 7.45 16.07
C LEU A 459 27.48 7.72 14.57
N ARG A 460 26.80 6.84 13.82
CA ARG A 460 26.63 7.01 12.36
C ARG A 460 26.05 8.39 11.94
N ALA A 461 25.18 8.97 12.76
CA ALA A 461 24.51 10.23 12.47
C ALA A 461 25.26 11.47 12.99
N GLU A 462 26.40 11.23 13.65
CA GLU A 462 27.17 12.26 14.36
C GLU A 462 26.30 13.06 15.34
ZN ZN B . -1.64 -9.46 21.43
ZN ZN C . -0.95 -23.12 30.37
S DMS D . 0.25 -1.49 -5.45
O DMS D . -1.01 -1.17 -6.21
C1 DMS D . -0.14 -2.79 -4.24
C2 DMS D . 0.57 -0.08 -4.34
S DMS E . -10.58 -3.97 -5.66
O DMS E . -10.04 -3.28 -4.43
C1 DMS E . -12.01 -3.17 -6.37
C2 DMS E . -11.27 -5.60 -5.31
MN MN F . -3.98 1.71 -3.72
N1 EPE G . -10.29 -1.46 7.66
C2 EPE G . -10.73 -2.82 7.27
C3 EPE G . -12.22 -2.85 6.86
N4 EPE G . -12.61 -1.71 6.04
C5 EPE G . -12.05 -0.41 6.35
C6 EPE G . -10.55 -0.51 6.57
C7 EPE G . -13.83 -1.74 5.25
C8 EPE G . -13.71 -0.99 3.92
O8 EPE G . -13.95 0.39 4.08
C9 EPE G . -8.85 -1.43 8.00
C10 EPE G . -8.41 -0.06 8.58
S EPE G . -6.61 0.01 8.92
O1S EPE G . -6.05 1.32 9.30
O2S EPE G . -5.94 -0.46 7.71
O3S EPE G . -6.38 -0.90 10.03
C1 EDO H . -2.54 -8.55 -15.21
O1 EDO H . -2.52 -7.11 -15.25
C2 EDO H . -1.12 -9.00 -15.44
O2 EDO H . -1.16 -10.40 -15.77
C1 EDO I . 14.01 -10.47 31.14
O1 EDO I . 13.73 -9.11 30.74
C2 EDO I . 15.25 -11.02 30.47
O2 EDO I . 16.01 -9.93 29.91
C1 EDO J . 6.31 -2.83 20.62
O1 EDO J . 7.42 -2.45 19.81
C2 EDO J . 6.64 -2.41 22.06
O2 EDO J . 8.06 -2.56 22.22
C1 EDO K . -2.30 10.24 9.14
O1 EDO K . -2.52 11.65 9.21
C2 EDO K . -2.51 9.61 10.51
O2 EDO K . -3.93 9.53 10.74
C1 EDO L . 10.58 -12.16 33.07
O1 EDO L . 9.49 -11.69 33.89
C2 EDO L . 11.92 -12.00 33.79
O2 EDO L . 11.91 -12.82 34.97
C1 EDO M . -9.20 -2.19 -13.16
O1 EDO M . -9.52 -2.19 -11.76
C2 EDO M . -7.68 -2.35 -13.36
O2 EDO M . -7.07 -1.05 -13.35
CL CL N . -25.72 -1.57 -10.79
C DJ6 O . -5.04 1.52 -8.18
N DJ6 O . -4.93 1.45 -5.78
O DJ6 O . -7.17 -2.05 -8.93
S DJ6 O . -8.27 -6.22 -7.67
CL DJ6 O . -9.47 -3.75 -8.72
C1 DJ6 O . -5.48 0.21 -8.21
N1 DJ6 O . -6.06 -1.83 -6.94
CL1 DJ6 O . -5.96 -7.71 -6.60
C2 DJ6 O . -5.64 -0.48 -7.01
C3 DJ6 O . -5.37 0.19 -5.83
C4 DJ6 O . -4.78 2.10 -6.95
C5 DJ6 O . -6.74 -2.54 -7.88
C6 DJ6 O . -6.95 -3.99 -7.58
C7 DJ6 O . -6.11 -5.00 -7.03
C8 DJ6 O . -6.67 -6.21 -7.04
C9 DJ6 O . -8.15 -4.52 -7.96
P PO4 P . -8.30 -5.95 23.47
O1 PO4 P . -9.45 -5.10 23.94
O2 PO4 P . -7.05 -5.61 24.29
O3 PO4 P . -8.68 -7.42 23.64
O4 PO4 P . -8.03 -5.71 21.99
#